data_9Q5E
#
_entry.id   9Q5E
#
_cell.length_a   45.302
_cell.length_b   57.567
_cell.length_c   75.685
_cell.angle_alpha   90.000
_cell.angle_beta   90.000
_cell.angle_gamma   90.000
#
_symmetry.space_group_name_H-M   'P 21 21 21'
#
loop_
_entity.id
_entity.type
_entity.pdbx_description
1 polymer 'Streptococcal hemagglutinin'
2 branched 'N-acetyl-alpha-neuraminic acid-(2-3)-methyl beta-D-galactopyranoside'
3 non-polymer 'CALCIUM ION'
4 non-polymer 'SODIUM ION'
5 water water
#
_entity_poly.entity_id   1
_entity_poly.type   'polypeptide(L)'
_entity_poly.pdbx_seq_one_letter_code
;DTEAPQVKSGDYVVYRGESFEYYAEITDNSGQVNRVVIRNVEGGANSTYLSPNWVKYSTENLGRPGNATVQNPLRTRIFG
EVPLNEIVNEKSYYTRYIVAWDPSGNATQMVDNANRNGLERFVLTVKSQNEKYDPAEPSVTYVNNLSNLSTSEREAVAAA
VRAANPNIPPTAKITVSQNGTVTITYPDKSTDTIPANRVVKDLQISKSN
;
_entity_poly.pdbx_strand_id   A
#
# COMPACT_ATOMS: atom_id res chain seq x y z
N ASP A 1 17.03 -11.52 -19.70
CA ASP A 1 16.75 -12.48 -20.77
C ASP A 1 15.42 -12.14 -21.44
N THR A 2 15.48 -11.51 -22.62
CA THR A 2 14.27 -11.16 -23.36
C THR A 2 13.59 -12.37 -23.98
N GLU A 3 14.21 -13.55 -23.95
CA GLU A 3 13.52 -14.78 -24.27
C GLU A 3 12.82 -15.36 -23.05
N ALA A 4 13.08 -14.82 -21.86
CA ALA A 4 12.34 -15.19 -20.67
C ALA A 4 11.13 -14.27 -20.53
N PRO A 5 10.15 -14.66 -19.73
CA PRO A 5 9.00 -13.77 -19.53
C PRO A 5 9.42 -12.43 -18.94
N GLN A 6 8.78 -11.37 -19.41
CA GLN A 6 9.05 -10.00 -18.98
C GLN A 6 7.94 -9.55 -18.05
N VAL A 7 8.31 -8.79 -17.03
CA VAL A 7 7.41 -8.44 -15.94
C VAL A 7 7.34 -6.93 -15.80
N LYS A 8 6.13 -6.42 -15.60
CA LYS A 8 5.88 -5.03 -15.23
C LYS A 8 5.14 -5.05 -13.90
N SER A 9 5.78 -4.51 -12.86
CA SER A 9 5.17 -4.46 -11.54
C SER A 9 4.85 -3.01 -11.18
N GLY A 10 5.36 -2.51 -10.07
CA GLY A 10 5.02 -1.17 -9.67
C GLY A 10 5.64 -0.85 -8.32
N ASP A 11 5.17 0.25 -7.74
CA ASP A 11 5.60 0.75 -6.44
C ASP A 11 4.55 0.30 -5.44
N TYR A 12 4.79 -0.83 -4.77
CA TYR A 12 3.75 -1.50 -4.00
C TYR A 12 3.78 -1.06 -2.54
N VAL A 13 3.14 0.07 -2.29
CA VAL A 13 3.04 0.64 -0.95
C VAL A 13 1.85 0.01 -0.23
N VAL A 14 2.08 -0.39 1.02
CA VAL A 14 1.07 -1.03 1.84
C VAL A 14 1.10 -0.36 3.21
N TYR A 15 0.04 -0.57 3.98
CA TYR A 15 -0.19 0.21 5.19
C TYR A 15 -0.66 -0.69 6.32
N ARG A 16 -0.10 -0.49 7.52
CA ARG A 16 -0.52 -1.28 8.66
C ARG A 16 -2.02 -1.18 8.86
N GLY A 17 -2.63 -2.31 9.20
CA GLY A 17 -4.06 -2.37 9.44
C GLY A 17 -4.92 -2.34 8.22
N GLU A 18 -4.34 -2.42 7.03
CA GLU A 18 -5.08 -2.28 5.79
C GLU A 18 -4.76 -3.43 4.85
N SER A 19 -5.77 -3.83 4.08
N SER A 19 -5.77 -3.81 4.06
CA SER A 19 -5.54 -4.77 2.99
CA SER A 19 -5.58 -4.75 2.97
C SER A 19 -4.93 -4.04 1.81
C SER A 19 -4.94 -4.03 1.79
N PHE A 20 -4.22 -4.79 0.97
CA PHE A 20 -3.64 -4.25 -0.24
C PHE A 20 -3.85 -5.24 -1.37
N GLU A 21 -3.81 -4.71 -2.58
CA GLU A 21 -3.92 -5.53 -3.77
C GLU A 21 -3.28 -4.78 -4.93
N TYR A 22 -2.31 -5.43 -5.56
CA TYR A 22 -1.66 -4.92 -6.75
C TYR A 22 -1.62 -6.04 -7.77
N TYR A 23 -1.44 -5.68 -9.03
CA TYR A 23 -1.27 -6.62 -10.11
C TYR A 23 0.02 -6.32 -10.85
N ALA A 24 0.75 -7.38 -11.18
CA ALA A 24 1.87 -7.30 -12.11
C ALA A 24 1.45 -7.92 -13.43
N GLU A 25 2.01 -7.41 -14.52
CA GLU A 25 1.71 -7.90 -15.85
CA GLU A 25 1.71 -7.89 -15.86
C GLU A 25 2.93 -8.62 -16.43
N ILE A 26 2.69 -9.77 -17.04
CA ILE A 26 3.75 -10.64 -17.52
C ILE A 26 3.47 -11.00 -18.97
N THR A 27 4.49 -10.86 -19.82
CA THR A 27 4.40 -11.25 -21.21
C THR A 27 5.57 -12.15 -21.55
N ASP A 28 5.40 -12.94 -22.59
CA ASP A 28 6.50 -13.73 -23.13
C ASP A 28 6.40 -13.78 -24.63
N ASN A 29 7.57 -13.87 -25.28
CA ASN A 29 7.57 -13.92 -26.74
C ASN A 29 6.90 -15.17 -27.27
N SER A 30 6.83 -16.24 -26.47
CA SER A 30 6.10 -17.45 -26.86
C SER A 30 4.60 -17.30 -26.70
N GLY A 31 4.16 -16.22 -26.05
CA GLY A 31 2.77 -16.02 -25.71
C GLY A 31 2.28 -16.80 -24.51
N GLN A 32 3.14 -17.58 -23.86
CA GLN A 32 2.67 -18.48 -22.82
C GLN A 32 3.59 -18.45 -21.60
N VAL A 33 2.99 -18.42 -20.42
CA VAL A 33 3.70 -18.53 -19.15
C VAL A 33 3.07 -19.66 -18.36
N ASN A 34 3.92 -20.55 -17.83
CA ASN A 34 3.44 -21.73 -17.13
C ASN A 34 3.48 -21.60 -15.62
N ARG A 35 4.30 -20.70 -15.07
CA ARG A 35 4.51 -20.66 -13.63
C ARG A 35 4.99 -19.26 -13.28
N VAL A 36 4.56 -18.77 -12.12
CA VAL A 36 5.00 -17.50 -11.57
C VAL A 36 5.28 -17.69 -10.10
N VAL A 37 6.48 -17.29 -9.66
CA VAL A 37 6.89 -17.30 -8.27
C VAL A 37 7.29 -15.88 -7.89
N ILE A 38 6.90 -15.47 -6.68
CA ILE A 38 7.37 -14.22 -6.09
C ILE A 38 8.20 -14.59 -4.87
N ARG A 39 9.40 -14.02 -4.78
CA ARG A 39 10.37 -14.56 -3.83
C ARG A 39 11.34 -13.50 -3.34
N ASN A 40 11.92 -13.79 -2.18
CA ASN A 40 13.10 -13.09 -1.72
C ASN A 40 14.29 -13.47 -2.61
N VAL A 41 15.30 -12.59 -2.65
CA VAL A 41 16.44 -12.84 -3.51
C VAL A 41 17.22 -14.08 -3.08
N GLU A 42 17.29 -14.34 -1.79
N GLU A 42 17.29 -14.32 -1.78
CA GLU A 42 18.20 -15.38 -1.31
CA GLU A 42 18.09 -15.41 -1.26
C GLU A 42 17.55 -16.76 -1.40
C GLU A 42 17.50 -16.76 -1.64
N GLY A 43 18.37 -17.76 -1.74
CA GLY A 43 17.89 -19.13 -1.85
C GLY A 43 18.36 -19.97 -3.02
N GLY A 44 18.63 -19.35 -4.16
CA GLY A 44 19.00 -20.11 -5.34
C GLY A 44 17.81 -20.45 -6.23
N ALA A 45 18.12 -21.12 -7.34
CA ALA A 45 17.17 -21.20 -8.44
C ALA A 45 15.85 -21.86 -8.04
N ASN A 46 15.89 -22.80 -7.10
N ASN A 46 15.89 -22.80 -7.10
CA ASN A 46 14.70 -23.57 -6.74
CA ASN A 46 14.70 -23.57 -6.74
C ASN A 46 13.91 -22.95 -5.60
C ASN A 46 13.89 -22.93 -5.61
N SER A 47 14.39 -21.85 -5.01
CA SER A 47 13.72 -21.30 -3.85
C SER A 47 12.42 -20.59 -4.22
N THR A 48 11.40 -20.82 -3.40
CA THR A 48 10.16 -20.05 -3.45
C THR A 48 9.93 -19.28 -2.15
N TYR A 49 10.95 -19.16 -1.31
CA TYR A 49 10.76 -18.51 -0.02
C TYR A 49 10.42 -17.04 -0.24
N LEU A 50 9.34 -16.59 0.41
CA LEU A 50 8.90 -15.20 0.34
C LEU A 50 8.47 -14.77 1.73
N SER A 51 8.97 -13.62 2.16
CA SER A 51 8.50 -13.00 3.40
C SER A 51 8.27 -11.53 3.14
N PRO A 52 7.55 -10.84 4.04
CA PRO A 52 6.80 -11.33 5.20
C PRO A 52 5.75 -12.34 4.79
N ASN A 53 5.37 -13.20 5.72
CA ASN A 53 4.48 -14.30 5.39
C ASN A 53 3.08 -13.83 5.00
N TRP A 54 2.73 -12.58 5.30
CA TRP A 54 1.42 -12.06 4.94
C TRP A 54 1.34 -11.59 3.50
N VAL A 55 2.45 -11.59 2.76
CA VAL A 55 2.41 -11.30 1.33
C VAL A 55 1.94 -12.54 0.58
N LYS A 56 0.79 -12.42 -0.07
CA LYS A 56 0.22 -13.51 -0.84
C LYS A 56 0.23 -13.15 -2.33
N TYR A 57 0.07 -14.18 -3.16
CA TYR A 57 -0.05 -13.92 -4.59
C TYR A 57 -0.72 -15.11 -5.27
N SER A 58 -1.25 -14.83 -6.46
CA SER A 58 -1.93 -15.84 -7.24
C SER A 58 -1.92 -15.39 -8.69
N THR A 59 -1.94 -16.37 -9.60
CA THR A 59 -1.96 -16.09 -11.03
C THR A 59 -2.99 -16.98 -11.68
N GLU A 60 -4.03 -16.36 -12.24
CA GLU A 60 -5.05 -17.12 -12.93
C GLU A 60 -4.60 -17.40 -14.36
N ASN A 61 -5.16 -18.47 -14.94
CA ASN A 61 -5.00 -18.76 -16.37
C ASN A 61 -3.57 -19.18 -16.71
N LEU A 62 -2.88 -19.83 -15.78
CA LEU A 62 -1.53 -20.31 -16.06
C LEU A 62 -1.55 -21.47 -17.04
N GLY A 63 -0.47 -21.58 -17.81
CA GLY A 63 -0.23 -22.74 -18.63
C GLY A 63 -1.12 -22.90 -19.84
N ARG A 64 -1.65 -21.81 -20.38
CA ARG A 64 -2.51 -21.84 -21.55
C ARG A 64 -1.85 -21.07 -22.68
N PRO A 65 -1.90 -21.58 -23.91
CA PRO A 65 -1.37 -20.80 -25.04
C PRO A 65 -2.00 -19.41 -25.08
N GLY A 66 -1.18 -18.42 -25.43
CA GLY A 66 -1.68 -17.07 -25.56
C GLY A 66 -2.10 -16.40 -24.27
N ASN A 67 -1.69 -16.94 -23.11
CA ASN A 67 -2.10 -16.32 -21.85
C ASN A 67 -1.20 -15.15 -21.45
N ALA A 68 -0.15 -14.86 -22.23
CA ALA A 68 0.85 -13.89 -21.81
C ALA A 68 1.35 -13.10 -23.02
N THR A 69 0.42 -12.46 -23.73
CA THR A 69 0.75 -11.69 -24.91
C THR A 69 0.83 -10.20 -24.58
N VAL A 70 1.48 -9.46 -25.47
CA VAL A 70 1.58 -8.02 -25.30
C VAL A 70 0.20 -7.39 -25.17
N GLN A 71 -0.74 -7.81 -26.02
N GLN A 71 -0.74 -7.82 -26.00
CA GLN A 71 -2.07 -7.22 -26.01
CA GLN A 71 -2.06 -7.20 -26.00
C GLN A 71 -2.88 -7.63 -24.78
C GLN A 71 -2.94 -7.68 -24.85
N ASN A 72 -2.59 -8.78 -24.19
CA ASN A 72 -3.33 -9.27 -23.04
C ASN A 72 -2.37 -9.98 -22.10
N PRO A 73 -1.59 -9.22 -21.34
CA PRO A 73 -0.59 -9.83 -20.47
C PRO A 73 -1.22 -10.73 -19.42
N LEU A 74 -0.44 -11.73 -19.00
CA LEU A 74 -0.78 -12.47 -17.80
C LEU A 74 -0.72 -11.54 -16.62
N ARG A 75 -1.64 -11.70 -15.68
CA ARG A 75 -1.67 -10.84 -14.51
C ARG A 75 -1.52 -11.67 -13.23
N THR A 76 -0.66 -11.21 -12.35
CA THR A 76 -0.43 -11.83 -11.06
C THR A 76 -0.92 -10.88 -9.97
N ARG A 77 -1.81 -11.39 -9.13
CA ARG A 77 -2.33 -10.63 -8.00
C ARG A 77 -1.36 -10.75 -6.83
N ILE A 78 -1.01 -9.60 -6.24
CA ILE A 78 -0.15 -9.53 -5.07
C ILE A 78 -0.96 -8.82 -4.00
N PHE A 79 -1.24 -9.53 -2.91
CA PHE A 79 -2.26 -9.05 -1.98
C PHE A 79 -1.96 -9.52 -0.57
N GLY A 80 -2.67 -8.93 0.36
CA GLY A 80 -2.58 -9.38 1.74
C GLY A 80 -3.19 -8.36 2.68
N GLU A 81 -3.03 -8.66 3.96
CA GLU A 81 -3.46 -7.80 5.06
C GLU A 81 -2.23 -7.50 5.91
N VAL A 82 -1.92 -6.22 6.07
CA VAL A 82 -0.73 -5.84 6.84
C VAL A 82 -1.07 -5.84 8.33
N PRO A 83 -0.36 -6.61 9.16
CA PRO A 83 -0.68 -6.60 10.60
C PRO A 83 -0.41 -5.25 11.24
N LEU A 84 -1.11 -5.01 12.35
CA LEU A 84 -0.92 -3.79 13.12
C LEU A 84 0.45 -3.73 13.80
N ASN A 85 1.08 -4.88 14.01
CA ASN A 85 2.34 -4.96 14.76
C ASN A 85 3.58 -4.93 13.88
N GLU A 86 3.43 -4.60 12.59
CA GLU A 86 4.61 -4.45 11.75
C GLU A 86 5.43 -3.25 12.21
N ILE A 87 6.76 -3.38 12.08
CA ILE A 87 7.64 -2.25 12.34
C ILE A 87 7.64 -1.34 11.12
N VAL A 88 7.52 -0.04 11.36
CA VAL A 88 7.50 0.97 10.32
C VAL A 88 8.62 1.96 10.62
N ASN A 89 9.50 2.13 9.65
CA ASN A 89 10.55 3.14 9.68
C ASN A 89 10.99 3.34 8.24
N GLU A 90 11.99 4.20 8.03
CA GLU A 90 12.44 4.45 6.67
C GLU A 90 12.99 3.20 5.98
N LYS A 91 13.30 2.15 6.74
CA LYS A 91 13.84 0.93 6.18
C LYS A 91 12.83 -0.20 6.09
N SER A 92 11.55 0.04 6.44
CA SER A 92 10.52 -0.99 6.44
C SER A 92 9.98 -1.26 5.03
N TYR A 93 10.91 -1.60 4.15
CA TYR A 93 10.58 -2.06 2.82
C TYR A 93 11.27 -3.39 2.57
N TYR A 94 10.76 -4.08 1.55
CA TYR A 94 11.14 -5.45 1.24
C TYR A 94 11.21 -5.54 -0.27
N THR A 95 12.40 -5.81 -0.78
CA THR A 95 12.63 -5.90 -2.20
C THR A 95 12.45 -7.35 -2.62
N ARG A 96 11.59 -7.58 -3.60
CA ARG A 96 11.21 -8.93 -3.99
C ARG A 96 11.27 -9.07 -5.50
N TYR A 97 11.21 -10.31 -5.96
CA TYR A 97 11.40 -10.64 -7.36
C TYR A 97 10.26 -11.51 -7.86
N ILE A 98 9.80 -11.21 -9.06
CA ILE A 98 8.79 -11.99 -9.74
C ILE A 98 9.50 -12.80 -10.81
N VAL A 99 9.41 -14.13 -10.71
CA VAL A 99 10.06 -15.03 -11.65
C VAL A 99 8.96 -15.81 -12.35
N ALA A 100 8.94 -15.73 -13.68
CA ALA A 100 7.98 -16.47 -14.48
C ALA A 100 8.73 -17.36 -15.46
N TRP A 101 8.10 -18.48 -15.81
CA TRP A 101 8.71 -19.48 -16.67
C TRP A 101 7.86 -19.64 -17.92
N ASP A 102 8.53 -19.72 -19.07
CA ASP A 102 7.86 -19.99 -20.34
C ASP A 102 7.90 -21.48 -20.62
N PRO A 103 7.30 -21.95 -21.71
CA PRO A 103 7.28 -23.41 -21.96
C PRO A 103 8.64 -24.05 -22.18
N SER A 104 9.65 -23.29 -22.58
CA SER A 104 11.01 -23.82 -22.72
C SER A 104 11.75 -23.87 -21.39
N GLY A 105 11.14 -23.39 -20.30
CA GLY A 105 11.80 -23.37 -19.02
C GLY A 105 12.68 -22.16 -18.80
N ASN A 106 12.64 -21.18 -19.70
CA ASN A 106 13.35 -19.93 -19.46
C ASN A 106 12.64 -19.17 -18.35
N ALA A 107 13.38 -18.80 -17.32
CA ALA A 107 12.84 -18.07 -16.19
C ALA A 107 13.35 -16.64 -16.18
N THR A 108 12.49 -15.71 -15.80
CA THR A 108 12.90 -14.32 -15.66
C THR A 108 14.12 -14.23 -14.76
N GLN A 109 15.12 -13.48 -15.19
CA GLN A 109 16.35 -13.39 -14.42
C GLN A 109 16.16 -12.39 -13.28
N MET A 110 16.80 -12.67 -12.16
CA MET A 110 16.81 -11.78 -11.01
C MET A 110 18.09 -10.96 -11.08
N VAL A 111 17.94 -9.64 -11.20
CA VAL A 111 19.06 -8.72 -11.26
C VAL A 111 18.93 -7.76 -10.09
N ASP A 112 19.94 -7.76 -9.22
CA ASP A 112 19.88 -7.02 -7.96
C ASP A 112 20.37 -5.59 -8.22
N ASN A 113 19.43 -4.75 -8.67
CA ASN A 113 19.72 -3.36 -8.97
C ASN A 113 18.41 -2.59 -8.93
N ALA A 114 18.42 -1.45 -8.24
CA ALA A 114 17.23 -0.63 -8.12
C ALA A 114 16.69 -0.15 -9.47
N ASN A 115 17.52 -0.13 -10.51
N ASN A 115 17.52 -0.14 -10.52
CA ASN A 115 17.00 0.27 -11.81
CA ASN A 115 17.03 0.26 -11.84
C ASN A 115 16.00 -0.71 -12.38
C ASN A 115 16.16 -0.81 -12.49
N ARG A 116 15.90 -1.91 -11.80
CA ARG A 116 14.91 -2.89 -12.23
C ARG A 116 13.61 -2.77 -11.46
N ASN A 117 13.54 -1.87 -10.47
CA ASN A 117 12.32 -1.73 -9.70
C ASN A 117 11.17 -1.32 -10.61
N GLY A 118 10.01 -1.93 -10.39
CA GLY A 118 8.87 -1.74 -11.25
C GLY A 118 8.82 -2.68 -12.43
N LEU A 119 9.85 -3.50 -12.62
CA LEU A 119 9.84 -4.55 -13.63
C LEU A 119 9.67 -5.88 -12.90
N GLU A 120 10.62 -6.80 -13.05
CA GLU A 120 10.51 -8.05 -12.31
C GLU A 120 10.89 -7.88 -10.84
N ARG A 121 11.57 -6.80 -10.50
CA ARG A 121 11.95 -6.48 -9.13
C ARG A 121 10.97 -5.42 -8.65
N PHE A 122 10.56 -5.52 -7.39
CA PHE A 122 9.68 -4.50 -6.85
C PHE A 122 9.98 -4.32 -5.37
N VAL A 123 9.62 -3.14 -4.89
CA VAL A 123 9.75 -2.79 -3.49
C VAL A 123 8.36 -2.77 -2.89
N LEU A 124 8.18 -3.55 -1.82
CA LEU A 124 6.98 -3.51 -0.99
C LEU A 124 7.32 -2.62 0.18
N THR A 125 6.67 -1.47 0.27
CA THR A 125 6.98 -0.50 1.31
C THR A 125 5.85 -0.50 2.33
N VAL A 126 6.19 -0.81 3.58
CA VAL A 126 5.22 -0.81 4.67
C VAL A 126 5.26 0.54 5.35
N LYS A 127 4.10 1.21 5.39
CA LYS A 127 3.95 2.50 6.03
C LYS A 127 2.94 2.41 7.17
N SER A 128 2.99 3.38 8.07
CA SER A 128 1.98 3.45 9.10
C SER A 128 0.64 3.81 8.48
N GLN A 129 -0.43 3.48 9.20
CA GLN A 129 -1.78 3.58 8.64
C GLN A 129 -2.13 5.02 8.33
N ASN A 130 -1.66 5.97 9.13
CA ASN A 130 -2.01 7.37 8.89
C ASN A 130 -1.57 7.81 7.50
N GLU A 131 -0.52 7.18 6.96
CA GLU A 131 0.02 7.59 5.66
C GLU A 131 -0.92 7.26 4.50
N LYS A 132 -1.88 6.36 4.69
CA LYS A 132 -2.84 6.05 3.64
C LYS A 132 -3.88 7.17 3.47
N TYR A 133 -4.02 8.04 4.46
CA TYR A 133 -5.11 9.00 4.51
C TYR A 133 -4.57 10.42 4.53
N ASP A 134 -5.24 11.31 3.82
CA ASP A 134 -4.94 12.74 3.84
C ASP A 134 -6.22 13.42 4.29
N PRO A 135 -6.39 13.62 5.60
CA PRO A 135 -7.67 14.15 6.10
C PRO A 135 -8.03 15.47 5.44
N ALA A 136 -9.27 15.55 4.97
CA ALA A 136 -9.80 16.81 4.48
C ALA A 136 -9.90 17.80 5.63
N GLU A 137 -9.49 19.05 5.35
CA GLU A 137 -9.53 20.12 6.33
C GLU A 137 -10.42 21.27 5.87
N PRO A 138 -11.47 21.04 5.07
CA PRO A 138 -12.27 22.16 4.57
C PRO A 138 -13.40 22.57 5.49
N SER A 139 -13.68 21.79 6.52
CA SER A 139 -14.79 22.09 7.41
C SER A 139 -14.42 23.28 8.28
N VAL A 140 -15.43 24.05 8.69
CA VAL A 140 -15.23 25.19 9.59
C VAL A 140 -16.26 25.12 10.69
N THR A 141 -15.81 25.16 11.94
CA THR A 141 -16.68 25.20 13.10
C THR A 141 -16.40 26.49 13.85
N TYR A 142 -17.42 27.31 14.04
CA TYR A 142 -17.29 28.53 14.81
C TYR A 142 -17.56 28.23 16.28
N VAL A 143 -16.62 28.60 17.14
CA VAL A 143 -16.70 28.36 18.57
C VAL A 143 -16.70 29.72 19.25
N ASN A 144 -17.03 29.71 20.54
CA ASN A 144 -17.11 30.98 21.25
C ASN A 144 -15.73 31.59 21.45
N ASN A 145 -14.75 30.78 21.84
CA ASN A 145 -13.42 31.28 22.18
C ASN A 145 -12.40 30.21 21.80
N LEU A 146 -11.52 30.55 20.84
CA LEU A 146 -10.56 29.59 20.29
C LEU A 146 -9.60 29.03 21.32
N SER A 147 -9.38 29.72 22.43
CA SER A 147 -8.45 29.26 23.44
C SER A 147 -9.10 28.36 24.48
N ASN A 148 -10.41 28.14 24.37
CA ASN A 148 -11.13 27.37 25.37
C ASN A 148 -12.42 26.81 24.80
N LEU A 149 -12.31 25.71 24.06
CA LEU A 149 -13.49 25.05 23.54
C LEU A 149 -14.16 24.23 24.65
N SER A 150 -15.49 24.33 24.70
CA SER A 150 -16.27 23.48 25.59
C SER A 150 -16.28 22.05 25.06
N THR A 151 -16.75 21.13 25.90
CA THR A 151 -16.89 19.75 25.44
C THR A 151 -17.79 19.68 24.21
N SER A 152 -18.91 20.40 24.23
CA SER A 152 -19.82 20.40 23.08
C SER A 152 -19.11 20.89 21.82
N GLU A 153 -18.28 21.94 21.96
CA GLU A 153 -17.59 22.48 20.79
C GLU A 153 -16.54 21.51 20.28
N ARG A 154 -15.84 20.83 21.19
CA ARG A 154 -14.87 19.82 20.78
C ARG A 154 -15.54 18.69 20.04
N GLU A 155 -16.71 18.24 20.52
CA GLU A 155 -17.43 17.18 19.81
C GLU A 155 -17.91 17.69 18.45
N ALA A 156 -18.32 18.96 18.37
CA ALA A 156 -18.76 19.51 17.09
C ALA A 156 -17.62 19.50 16.08
N VAL A 157 -16.42 19.89 16.50
CA VAL A 157 -15.29 19.87 15.59
C VAL A 157 -15.02 18.45 15.10
N ALA A 158 -15.01 17.49 16.03
CA ALA A 158 -14.74 16.11 15.64
C ALA A 158 -15.78 15.61 14.64
N ALA A 159 -17.05 15.95 14.88
CA ALA A 159 -18.11 15.52 13.97
C ALA A 159 -17.95 16.17 12.60
N ALA A 160 -17.53 17.43 12.56
CA ALA A 160 -17.31 18.09 11.28
C ALA A 160 -16.18 17.43 10.52
N VAL A 161 -15.09 17.07 11.22
CA VAL A 161 -13.98 16.40 10.56
C VAL A 161 -14.40 15.03 10.06
N ARG A 162 -15.15 14.28 10.87
CA ARG A 162 -15.64 12.99 10.41
C ARG A 162 -16.51 13.13 9.17
N ALA A 163 -17.42 14.12 9.17
CA ALA A 163 -18.32 14.30 8.04
C ALA A 163 -17.56 14.61 6.76
N ALA A 164 -16.44 15.32 6.88
CA ALA A 164 -15.61 15.63 5.72
C ALA A 164 -14.70 14.49 5.31
N ASN A 165 -14.65 13.41 6.09
CA ASN A 165 -13.65 12.34 5.89
C ASN A 165 -14.31 10.97 5.99
N PRO A 166 -15.28 10.68 5.10
CA PRO A 166 -15.93 9.37 5.13
C PRO A 166 -15.00 8.20 4.86
N ASN A 167 -13.82 8.44 4.30
CA ASN A 167 -12.93 7.34 3.92
C ASN A 167 -12.00 6.90 5.05
N ILE A 168 -11.81 7.70 6.08
CA ILE A 168 -10.89 7.30 7.14
C ILE A 168 -11.51 6.12 7.87
N PRO A 169 -10.72 5.23 8.47
CA PRO A 169 -11.29 4.01 9.08
C PRO A 169 -12.38 4.35 10.07
N PRO A 170 -13.52 3.66 10.03
CA PRO A 170 -14.59 3.95 10.99
C PRO A 170 -14.14 3.88 12.44
N THR A 171 -13.17 3.01 12.76
CA THR A 171 -12.71 2.86 14.13
C THR A 171 -11.52 3.75 14.47
N ALA A 172 -11.03 4.56 13.54
CA ALA A 172 -10.12 5.62 13.92
C ALA A 172 -10.84 6.55 14.89
N LYS A 173 -10.09 7.12 15.82
CA LYS A 173 -10.63 7.98 16.86
C LYS A 173 -10.23 9.42 16.57
N ILE A 174 -11.22 10.29 16.44
CA ILE A 174 -11.00 11.71 16.23
C ILE A 174 -11.24 12.41 17.55
N THR A 175 -10.21 13.05 18.08
CA THR A 175 -10.31 13.80 19.32
C THR A 175 -9.85 15.23 19.08
N VAL A 176 -10.41 16.15 19.86
CA VAL A 176 -10.16 17.57 19.70
C VAL A 176 -9.81 18.12 21.07
N SER A 177 -8.74 18.90 21.16
CA SER A 177 -8.29 19.44 22.42
C SER A 177 -9.03 20.73 22.76
N GLN A 178 -8.68 21.29 23.91
N GLN A 178 -8.70 21.30 23.92
CA GLN A 178 -9.34 22.50 24.42
CA GLN A 178 -9.36 22.50 24.40
C GLN A 178 -9.07 23.72 23.53
C GLN A 178 -9.07 23.72 23.55
N ASN A 179 -8.07 23.67 22.66
CA ASN A 179 -7.78 24.76 21.75
C ASN A 179 -8.15 24.43 20.30
N GLY A 180 -8.86 23.34 20.09
CA GLY A 180 -9.33 22.98 18.77
C GLY A 180 -8.39 22.13 17.94
N THR A 181 -7.24 21.72 18.49
CA THR A 181 -6.33 20.87 17.73
C THR A 181 -6.96 19.49 17.56
N VAL A 182 -6.93 18.96 16.34
CA VAL A 182 -7.55 17.68 16.03
C VAL A 182 -6.46 16.62 15.96
N THR A 183 -6.69 15.49 16.64
CA THR A 183 -5.85 14.31 16.48
C THR A 183 -6.73 13.17 15.96
N ILE A 184 -6.28 12.54 14.89
CA ILE A 184 -6.90 11.32 14.37
C ILE A 184 -5.97 10.18 14.72
N THR A 185 -6.44 9.27 15.56
CA THR A 185 -5.65 8.10 15.95
C THR A 185 -6.18 6.89 15.21
N TYR A 186 -5.34 6.31 14.37
CA TYR A 186 -5.73 5.19 13.54
C TYR A 186 -5.62 3.89 14.32
N PRO A 187 -6.21 2.81 13.81
CA PRO A 187 -6.12 1.52 14.51
C PRO A 187 -4.72 1.07 14.84
N ASP A 188 -3.72 1.40 14.02
CA ASP A 188 -2.36 1.02 14.33
C ASP A 188 -1.69 2.00 15.29
N LYS A 189 -2.46 2.95 15.81
CA LYS A 189 -2.04 3.92 16.81
C LYS A 189 -1.10 4.99 16.27
N SER A 190 -0.87 5.01 14.96
CA SER A 190 -0.30 6.20 14.34
C SER A 190 -1.35 7.31 14.34
N THR A 191 -0.89 8.54 14.14
CA THR A 191 -1.77 9.69 14.24
C THR A 191 -1.55 10.65 13.09
N ASP A 192 -2.62 11.36 12.74
CA ASP A 192 -2.59 12.60 11.99
C ASP A 192 -3.09 13.69 12.91
N THR A 193 -2.54 14.88 12.75
CA THR A 193 -3.01 16.06 13.47
C THR A 193 -3.46 17.09 12.46
N ILE A 194 -4.48 17.85 12.85
CA ILE A 194 -4.95 19.00 12.09
C ILE A 194 -4.85 20.21 13.01
N PRO A 195 -4.04 21.21 12.69
CA PRO A 195 -3.98 22.41 13.53
C PRO A 195 -5.35 23.07 13.63
N ALA A 196 -5.60 23.67 14.79
CA ALA A 196 -6.90 24.28 15.05
C ALA A 196 -7.26 25.31 13.99
N ASN A 197 -6.27 26.05 13.47
CA ASN A 197 -6.55 27.13 12.53
C ASN A 197 -7.26 26.64 11.28
N ARG A 198 -7.19 25.35 10.98
CA ARG A 198 -7.78 24.81 9.76
C ARG A 198 -9.20 24.33 9.95
N VAL A 199 -9.68 24.26 11.19
CA VAL A 199 -10.98 23.68 11.49
C VAL A 199 -11.84 24.56 12.36
N VAL A 200 -11.28 25.53 13.07
CA VAL A 200 -12.02 26.29 14.06
C VAL A 200 -11.77 27.78 13.86
N LYS A 201 -12.82 28.58 14.06
CA LYS A 201 -12.74 30.02 14.10
C LYS A 201 -13.61 30.50 15.26
N ASP A 202 -13.39 31.73 15.70
CA ASP A 202 -14.32 32.38 16.62
C ASP A 202 -14.61 33.78 16.10
N LEU A 203 -15.49 34.49 16.80
CA LEU A 203 -15.88 35.84 16.44
C LEU A 203 -15.45 36.84 17.51
N GLN A 204 -14.33 36.56 18.19
CA GLN A 204 -13.86 37.43 19.25
C GLN A 204 -13.31 38.75 18.74
N ILE A 205 -12.84 38.80 17.50
CA ILE A 205 -12.23 40.02 16.96
C ILE A 205 -13.24 40.78 16.10
#